data_4HPZ
#
_entry.id   4HPZ
#
_cell.length_a   101.284
_cell.length_b   101.284
_cell.length_c   95.592
_cell.angle_alpha   90.00
_cell.angle_beta   90.00
_cell.angle_gamma   120.00
#
_symmetry.space_group_name_H-M   'P 31 2 1'
#
loop_
_entity.id
_entity.type
_entity.pdbx_description
1 polymer dTale2
2 non-polymer 'SULFATE ION'
3 water water
#
_entity_poly.entity_id   1
_entity_poly.type   'polypeptide(L)'
_entity_poly.pdbx_seq_one_letter_code
;SPAAQVDLRTLGYSQQQQEKIKPKVRSTVAQHHEALVGHGFTHAHIVALSQHPAALGTVAVKYQDMIAALPEATHEAIVG
VGKQWSGACALEALLTVAGELRGPPLQLDTGQLLKIAKRGGVTAVEVHHTWRNALTGAPLNLTPDQVVAIASNIGGKQAL
ETVQRLLPVLCQDHGLTPQQVVAIASNGGGKQALETVQRLLPVLCQAHGLTPDQVVAIASHDGGKQALETVQRLLPVLCQ
DHGLTPQQVVAIASNIGGKQALETVQRLLPVLCQDHGLTPDQVVAIASNDGGKQALETVQRLLPVLCQDHGLTPEQVVAI
ASNGGGKQALETVQRLLPVLCQAHGLTPDQVVAIASHDGGKQALETVQRLLPVLCQDHGLTPAQAVAIANNNGGKQALET
VQRLLPVLCQDHGLTPDQVVAIASNGGGKQALESIVAQLSCPDPALAALTNDHLVALACLGGR
;
_entity_poly.pdbx_strand_id   A
#
loop_
_chem_comp.id
_chem_comp.type
_chem_comp.name
_chem_comp.formula
SO4 non-polymer 'SULFATE ION' 'O4 S -2'
#
# COMPACT_ATOMS: atom_id res chain seq x y z
N ASP A 7 8.45 37.71 -14.87
CA ASP A 7 7.90 38.12 -13.59
C ASP A 7 8.61 37.40 -12.44
N LEU A 8 8.04 36.30 -11.95
CA LEU A 8 8.62 35.59 -10.80
C LEU A 8 10.10 35.23 -11.00
N ARG A 9 10.55 35.14 -12.24
CA ARG A 9 11.96 34.82 -12.45
C ARG A 9 12.87 35.91 -11.88
N THR A 10 12.35 37.13 -11.79
CA THR A 10 13.14 38.23 -11.21
C THR A 10 13.33 38.04 -9.70
N LEU A 11 12.58 37.11 -9.12
CA LEU A 11 12.72 36.78 -7.71
C LEU A 11 13.49 35.48 -7.54
N GLY A 12 14.02 34.95 -8.65
CA GLY A 12 14.86 33.78 -8.56
C GLY A 12 14.20 32.46 -8.92
N TYR A 13 12.92 32.50 -9.31
CA TYR A 13 12.24 31.31 -9.79
C TYR A 13 12.66 30.98 -11.23
N SER A 14 12.79 29.69 -11.54
CA SER A 14 13.03 29.27 -12.91
C SER A 14 11.75 29.39 -13.71
N GLN A 15 11.84 29.34 -15.04
CA GLN A 15 10.65 29.39 -15.88
C GLN A 15 9.75 28.21 -15.58
N GLN A 16 10.36 27.04 -15.36
CA GLN A 16 9.61 25.84 -15.03
C GLN A 16 8.82 26.05 -13.74
N GLN A 17 9.53 26.46 -12.69
CA GLN A 17 8.89 26.76 -11.42
C GLN A 17 7.73 27.74 -11.62
N GLN A 18 7.97 28.77 -12.43
CA GLN A 18 6.93 29.77 -12.67
C GLN A 18 5.74 29.20 -13.42
N GLU A 19 6.01 28.42 -14.48
CA GLU A 19 4.95 27.80 -15.26
C GLU A 19 4.10 26.91 -14.37
N LYS A 20 4.78 26.27 -13.41
CA LYS A 20 4.11 25.39 -12.45
C LYS A 20 3.17 26.13 -11.54
N ILE A 21 3.47 27.40 -11.26
CA ILE A 21 2.70 28.11 -10.23
C ILE A 21 1.24 28.36 -10.56
N LYS A 22 1.00 29.01 -11.71
CA LYS A 22 -0.34 29.42 -12.13
C LYS A 22 -0.46 30.94 -12.12
N PRO A 23 -0.60 31.52 -13.32
CA PRO A 23 -0.64 32.96 -13.58
C PRO A 23 -1.32 33.77 -12.48
N LYS A 24 -2.55 33.41 -12.12
CA LYS A 24 -3.35 34.23 -11.20
C LYS A 24 -2.87 34.18 -9.73
N VAL A 25 -1.88 33.35 -9.45
CA VAL A 25 -1.37 33.21 -8.10
C VAL A 25 0.01 33.89 -7.98
N ARG A 26 0.59 34.18 -9.13
CA ARG A 26 1.97 34.67 -9.16
C ARG A 26 2.19 35.95 -8.37
N SER A 27 1.20 36.84 -8.36
CA SER A 27 1.35 38.09 -7.63
C SER A 27 1.30 37.84 -6.13
N THR A 28 0.54 36.84 -5.72
CA THR A 28 0.42 36.50 -4.30
C THR A 28 1.74 35.91 -3.83
N VAL A 29 2.31 35.02 -4.65
CA VAL A 29 3.65 34.52 -4.43
C VAL A 29 4.65 35.68 -4.26
N ALA A 30 4.60 36.64 -5.19
CA ALA A 30 5.50 37.77 -5.20
C ALA A 30 5.32 38.62 -3.94
N GLN A 31 4.09 38.70 -3.48
CA GLN A 31 3.76 39.48 -2.29
C GLN A 31 4.47 38.94 -1.05
N HIS A 32 4.47 37.61 -0.93
CA HIS A 32 4.88 36.96 0.31
C HIS A 32 6.25 36.32 0.17
N HIS A 33 6.79 36.39 -1.04
CA HIS A 33 8.06 35.74 -1.35
C HIS A 33 9.16 36.06 -0.34
N GLU A 34 9.37 37.35 -0.10
CA GLU A 34 10.44 37.83 0.77
C GLU A 34 10.34 37.23 2.17
N ALA A 35 9.14 37.30 2.75
CA ALA A 35 8.91 36.75 4.09
C ALA A 35 9.14 35.24 4.11
N LEU A 36 8.65 34.54 3.09
CA LEU A 36 8.74 33.07 3.04
C LEU A 36 10.17 32.54 2.99
N VAL A 37 10.95 33.07 2.04
CA VAL A 37 12.34 32.68 1.91
C VAL A 37 13.09 33.09 3.17
N GLY A 38 12.65 34.20 3.78
CA GLY A 38 13.24 34.65 5.02
C GLY A 38 12.98 33.66 6.13
N HIS A 39 11.94 32.86 5.97
CA HIS A 39 11.62 31.82 6.95
C HIS A 39 12.40 30.54 6.68
N GLY A 40 13.13 30.52 5.56
CA GLY A 40 13.89 29.33 5.20
C GLY A 40 13.30 28.47 4.09
N PHE A 41 12.12 28.84 3.58
CA PHE A 41 11.53 28.09 2.49
C PHE A 41 12.28 28.29 1.18
N THR A 42 12.51 27.19 0.48
CA THR A 42 13.13 27.25 -0.84
C THR A 42 12.10 27.69 -1.87
N HIS A 43 12.57 27.99 -3.07
CA HIS A 43 11.69 28.27 -4.19
C HIS A 43 10.79 27.08 -4.48
N ALA A 44 11.35 25.88 -4.30
CA ALA A 44 10.58 24.65 -4.51
C ALA A 44 9.40 24.57 -3.52
N HIS A 45 9.70 24.78 -2.25
CA HIS A 45 8.67 24.85 -1.21
C HIS A 45 7.53 25.78 -1.60
N ILE A 46 7.88 26.94 -2.10
CA ILE A 46 6.89 27.99 -2.37
C ILE A 46 6.01 27.67 -3.57
N VAL A 47 6.58 27.00 -4.57
CA VAL A 47 5.80 26.56 -5.74
C VAL A 47 4.72 25.59 -5.29
N ALA A 48 5.15 24.56 -4.54
CA ALA A 48 4.22 23.55 -4.02
C ALA A 48 3.16 24.21 -3.15
N LEU A 49 3.62 25.06 -2.25
CA LEU A 49 2.75 25.78 -1.35
C LEU A 49 1.66 26.54 -2.12
N SER A 50 2.03 27.14 -3.24
CA SER A 50 1.12 28.00 -3.99
C SER A 50 -0.12 27.27 -4.47
N GLN A 51 -0.06 25.93 -4.48
CA GLN A 51 -1.19 25.10 -4.86
C GLN A 51 -2.40 25.43 -4.01
N HIS A 52 -2.16 26.01 -2.84
CA HIS A 52 -3.24 26.54 -2.02
C HIS A 52 -2.93 27.98 -1.63
N PRO A 53 -3.26 28.92 -2.53
CA PRO A 53 -2.88 30.34 -2.49
C PRO A 53 -2.91 30.95 -1.08
N ALA A 54 -3.98 30.74 -0.34
CA ALA A 54 -4.13 31.34 0.98
C ALA A 54 -3.05 30.91 1.98
N ALA A 55 -2.44 29.75 1.73
CA ALA A 55 -1.40 29.24 2.61
C ALA A 55 -0.10 30.06 2.48
N LEU A 56 0.08 30.70 1.32
CA LEU A 56 1.22 31.59 1.10
C LEU A 56 1.30 32.69 2.17
N GLY A 57 0.19 33.40 2.35
CA GLY A 57 0.10 34.47 3.33
C GLY A 57 0.08 33.99 4.76
N THR A 58 -0.66 32.92 5.05
CA THR A 58 -0.73 32.49 6.44
C THR A 58 0.62 31.96 6.90
N VAL A 59 1.35 31.27 6.03
CA VAL A 59 2.73 30.86 6.36
C VAL A 59 3.70 32.05 6.42
N ALA A 60 3.58 32.99 5.48
CA ALA A 60 4.43 34.18 5.46
C ALA A 60 4.31 34.94 6.78
N VAL A 61 3.09 35.19 7.21
CA VAL A 61 2.84 35.59 8.57
C VAL A 61 2.80 34.26 9.34
N LYS A 62 2.73 34.28 10.66
CA LYS A 62 2.46 33.06 11.44
C LYS A 62 3.47 31.88 11.36
N TYR A 63 4.40 31.87 10.42
CA TYR A 63 5.39 30.79 10.41
C TYR A 63 6.01 30.58 11.78
N GLN A 64 6.41 31.67 12.41
CA GLN A 64 7.02 31.58 13.73
C GLN A 64 6.06 30.99 14.75
N ASP A 65 4.77 31.31 14.63
CA ASP A 65 3.78 30.77 15.56
C ASP A 65 3.60 29.27 15.33
N MET A 66 3.76 28.84 14.08
CA MET A 66 3.65 27.44 13.71
C MET A 66 4.78 26.61 14.32
N ILE A 67 5.98 27.18 14.28
CA ILE A 67 7.15 26.54 14.89
C ILE A 67 6.98 26.51 16.41
N ALA A 68 6.35 27.53 16.97
CA ALA A 68 6.07 27.54 18.41
C ALA A 68 5.03 26.46 18.74
N ALA A 69 4.02 26.33 17.90
CA ALA A 69 3.00 25.31 18.11
C ALA A 69 3.48 23.92 17.74
N LEU A 70 4.41 23.85 16.80
CA LEU A 70 4.86 22.58 16.25
C LEU A 70 6.38 22.54 16.17
N PRO A 71 7.04 22.39 17.33
CA PRO A 71 8.49 22.69 17.37
C PRO A 71 9.34 21.85 16.40
N GLU A 72 9.00 20.58 16.20
CA GLU A 72 9.81 19.72 15.33
C GLU A 72 9.51 19.92 13.86
N ALA A 73 8.46 20.67 13.55
CA ALA A 73 7.99 20.82 12.18
C ALA A 73 9.05 21.35 11.21
N THR A 74 9.33 20.58 10.16
CA THR A 74 10.22 21.02 9.09
C THR A 74 9.48 21.87 8.06
N HIS A 75 10.25 22.55 7.21
CA HIS A 75 9.66 23.36 6.16
C HIS A 75 8.74 22.51 5.28
N GLU A 76 9.25 21.38 4.81
CA GLU A 76 8.44 20.58 3.90
C GLU A 76 7.21 20.00 4.62
N ALA A 77 7.32 19.74 5.91
CA ALA A 77 6.16 19.25 6.65
C ALA A 77 5.09 20.34 6.64
N ILE A 78 5.53 21.58 6.81
CA ILE A 78 4.59 22.70 6.81
C ILE A 78 3.97 22.87 5.42
N VAL A 79 4.80 22.68 4.39
CA VAL A 79 4.32 22.77 3.01
C VAL A 79 3.31 21.66 2.72
N GLY A 80 3.57 20.46 3.25
CA GLY A 80 2.69 19.32 3.03
C GLY A 80 1.29 19.52 3.58
N VAL A 81 1.20 20.20 4.72
CA VAL A 81 -0.08 20.55 5.30
C VAL A 81 -0.70 21.71 4.53
N GLY A 82 0.07 22.77 4.33
CA GLY A 82 -0.46 24.01 3.78
C GLY A 82 -0.88 23.93 2.32
N LYS A 83 -0.25 23.02 1.61
CA LYS A 83 -0.51 22.77 0.20
C LYS A 83 -1.93 22.25 -0.06
N GLN A 84 -2.52 21.59 0.94
CA GLN A 84 -3.77 20.85 0.77
C GLN A 84 -5.02 21.75 0.64
N TRP A 85 -6.16 21.09 0.40
CA TRP A 85 -7.44 21.76 0.11
C TRP A 85 -7.92 22.77 1.15
N SER A 86 -7.68 22.46 2.42
CA SER A 86 -8.01 23.39 3.48
C SER A 86 -6.69 23.91 4.12
N GLY A 87 -5.65 23.92 3.29
CA GLY A 87 -4.38 24.57 3.57
C GLY A 87 -3.83 24.49 4.98
N ALA A 88 -3.85 25.58 5.76
CA ALA A 88 -4.42 26.90 5.47
C ALA A 88 -5.14 27.32 6.75
N CYS A 89 -6.46 27.17 6.78
CA CYS A 89 -7.15 27.26 8.07
C CYS A 89 -6.94 25.99 8.90
N ALA A 90 -6.40 24.95 8.28
CA ALA A 90 -5.86 23.80 9.01
C ALA A 90 -4.63 24.20 9.85
N LEU A 91 -3.72 24.98 9.27
CA LEU A 91 -2.59 25.47 10.03
C LEU A 91 -3.06 26.43 11.12
N GLU A 92 -4.08 27.22 10.80
CA GLU A 92 -4.68 28.11 11.79
C GLU A 92 -5.31 27.32 12.92
N ALA A 93 -6.04 26.26 12.55
CA ALA A 93 -6.68 25.43 13.54
C ALA A 93 -5.64 24.80 14.44
N LEU A 94 -4.52 24.38 13.85
CA LEU A 94 -3.42 23.81 14.64
C LEU A 94 -2.89 24.86 15.64
N LEU A 95 -2.68 26.09 15.18
CA LEU A 95 -2.21 27.15 16.05
C LEU A 95 -3.11 27.27 17.29
N THR A 96 -4.42 27.15 17.08
CA THR A 96 -5.38 27.35 18.16
C THR A 96 -5.55 26.13 19.08
N VAL A 97 -5.53 24.93 18.52
CA VAL A 97 -5.88 23.76 19.31
C VAL A 97 -4.72 22.84 19.67
N ALA A 98 -3.57 23.04 19.05
CA ALA A 98 -2.43 22.14 19.27
C ALA A 98 -2.08 21.97 20.75
N GLY A 99 -2.05 23.09 21.48
CA GLY A 99 -1.65 23.07 22.88
C GLY A 99 -2.55 22.15 23.69
N GLU A 100 -3.85 22.28 23.49
CA GLU A 100 -4.79 21.40 24.19
C GLU A 100 -4.68 19.94 23.75
N LEU A 101 -4.65 19.70 22.44
CA LEU A 101 -4.52 18.32 21.96
C LEU A 101 -3.26 17.63 22.50
N ARG A 102 -2.24 18.43 22.84
CA ARG A 102 -1.00 17.88 23.38
C ARG A 102 -1.17 17.38 24.81
N GLY A 103 -2.12 17.97 25.54
CA GLY A 103 -2.41 17.53 26.89
C GLY A 103 -3.36 16.34 26.90
N PRO A 104 -4.03 16.10 28.05
CA PRO A 104 -5.04 15.03 28.14
C PRO A 104 -6.32 15.46 27.41
N PRO A 105 -7.08 14.50 26.88
CA PRO A 105 -6.92 13.04 27.00
C PRO A 105 -6.08 12.41 25.91
N LEU A 106 -5.72 13.18 24.87
CA LEU A 106 -5.10 12.57 23.69
C LEU A 106 -3.57 12.57 23.72
N GLN A 107 -2.98 13.56 24.39
CA GLN A 107 -1.53 13.65 24.45
C GLN A 107 -0.91 13.48 23.07
N LEU A 108 -1.45 14.19 22.09
CA LEU A 108 -0.95 14.08 20.73
C LEU A 108 0.45 14.68 20.59
N ASP A 109 1.23 14.15 19.66
CA ASP A 109 2.55 14.73 19.38
C ASP A 109 2.48 15.43 18.02
N THR A 110 3.56 16.13 17.66
CA THR A 110 3.47 16.98 16.47
C THR A 110 3.39 16.18 15.18
N GLY A 111 4.02 15.00 15.14
CA GLY A 111 3.85 14.12 14.00
C GLY A 111 2.37 13.77 13.81
N GLN A 112 1.71 13.42 14.89
CA GLN A 112 0.29 13.11 14.84
C GLN A 112 -0.51 14.34 14.47
N LEU A 113 -0.18 15.46 15.09
CA LEU A 113 -0.80 16.74 14.77
C LEU A 113 -0.63 17.09 13.31
N LEU A 114 0.54 16.76 12.71
CA LEU A 114 0.83 16.94 11.27
C LEU A 114 0.15 15.93 10.28
N LYS A 115 -0.01 14.68 10.69
CA LYS A 115 -0.77 13.67 9.92
C LYS A 115 -2.30 13.95 9.74
N ILE A 116 -2.99 14.42 10.79
CA ILE A 116 -4.41 14.85 10.79
C ILE A 116 -4.84 16.06 9.87
N ALA A 117 -4.25 17.24 10.09
CA ALA A 117 -4.36 18.45 9.27
C ALA A 117 -3.97 18.20 7.83
N LYS A 118 -2.92 17.45 7.58
CA LYS A 118 -2.54 17.18 6.20
C LYS A 118 -3.52 16.24 5.52
N ARG A 119 -3.83 15.13 6.20
CA ARG A 119 -4.67 14.10 5.59
C ARG A 119 -6.17 14.39 5.74
N GLY A 120 -6.57 14.99 6.86
CA GLY A 120 -7.96 15.21 7.14
C GLY A 120 -8.42 16.67 7.13
N GLY A 121 -7.47 17.60 6.97
CA GLY A 121 -7.80 19.01 6.81
C GLY A 121 -8.33 19.68 8.07
N VAL A 122 -8.83 20.91 7.93
CA VAL A 122 -9.39 21.64 9.08
C VAL A 122 -10.46 20.85 9.76
N THR A 123 -11.27 20.18 8.96
CA THR A 123 -12.42 19.48 9.51
C THR A 123 -11.92 18.44 10.49
N ALA A 124 -10.92 17.68 10.08
CA ALA A 124 -10.34 16.67 10.95
C ALA A 124 -9.73 17.31 12.20
N VAL A 125 -8.96 18.38 12.02
CA VAL A 125 -8.28 19.01 13.15
C VAL A 125 -9.26 19.46 14.24
N GLU A 126 -10.27 20.23 13.84
CA GLU A 126 -11.19 20.82 14.82
C GLU A 126 -12.10 19.75 15.45
N VAL A 127 -12.32 18.69 14.71
CA VAL A 127 -13.19 17.62 15.18
C VAL A 127 -12.58 16.80 16.29
N HIS A 128 -11.31 16.45 16.16
CA HIS A 128 -10.58 15.82 17.25
C HIS A 128 -10.63 16.64 18.50
N HIS A 129 -10.35 17.92 18.36
CA HIS A 129 -10.39 18.79 19.50
C HIS A 129 -11.78 18.78 20.13
N THR A 130 -12.79 19.04 19.31
CA THR A 130 -14.16 19.14 19.78
C THR A 130 -14.59 17.85 20.50
N TRP A 131 -14.29 16.72 19.89
CA TRP A 131 -14.80 15.44 20.38
C TRP A 131 -13.74 14.72 21.18
N ARG A 132 -12.70 15.47 21.50
CA ARG A 132 -11.56 15.04 22.31
C ARG A 132 -11.96 14.06 23.41
N ASN A 133 -12.86 14.52 24.27
CA ASN A 133 -13.26 13.77 25.45
C ASN A 133 -14.25 12.63 25.17
N ALA A 134 -15.27 12.89 24.36
CA ALA A 134 -16.24 11.84 23.99
C ALA A 134 -15.56 10.61 23.37
N LEU A 135 -14.65 10.84 22.43
CA LEU A 135 -13.97 9.76 21.74
C LEU A 135 -13.17 8.83 22.66
N THR A 136 -12.66 9.38 23.76
CA THR A 136 -11.82 8.60 24.66
C THR A 136 -12.55 8.07 25.90
N GLY A 137 -13.75 8.60 26.17
CA GLY A 137 -14.54 8.18 27.31
C GLY A 137 -15.54 7.10 26.95
N ALA A 138 -16.15 6.49 27.95
CA ALA A 138 -17.20 5.51 27.74
C ALA A 138 -18.33 6.19 26.98
N PRO A 139 -18.99 5.46 26.06
CA PRO A 139 -18.79 4.03 25.82
C PRO A 139 -17.74 3.70 24.76
N LEU A 140 -17.10 4.72 24.19
CA LEU A 140 -16.17 4.49 23.08
C LEU A 140 -14.79 4.05 23.55
N ASN A 141 -14.18 4.86 24.41
CA ASN A 141 -12.85 4.55 24.95
C ASN A 141 -11.81 4.22 23.87
N LEU A 142 -11.81 5.01 22.79
CA LEU A 142 -10.80 4.88 21.75
C LEU A 142 -9.45 5.31 22.29
N THR A 143 -8.37 4.76 21.72
CA THR A 143 -7.03 5.21 22.06
C THR A 143 -6.67 6.41 21.19
N PRO A 144 -5.68 7.22 21.63
CA PRO A 144 -5.26 8.35 20.79
C PRO A 144 -4.87 7.88 19.42
N ASP A 145 -4.11 6.79 19.34
CA ASP A 145 -3.72 6.20 18.05
C ASP A 145 -4.91 5.91 17.15
N GLN A 146 -5.96 5.33 17.72
CA GLN A 146 -7.15 5.00 16.93
C GLN A 146 -7.81 6.28 16.42
N VAL A 147 -7.95 7.27 17.28
CA VAL A 147 -8.52 8.56 16.89
C VAL A 147 -7.74 9.17 15.72
N VAL A 148 -6.43 9.15 15.84
CA VAL A 148 -5.56 9.67 14.79
C VAL A 148 -5.71 8.92 13.47
N ALA A 149 -5.88 7.61 13.54
CA ALA A 149 -6.03 6.80 12.33
C ALA A 149 -7.36 7.08 11.63
N ILE A 150 -8.41 7.30 12.41
CA ILE A 150 -9.70 7.67 11.83
C ILE A 150 -9.62 9.10 11.30
N ALA A 151 -9.00 9.97 12.09
CA ALA A 151 -8.73 11.37 11.71
C ALA A 151 -8.17 11.55 10.33
N SER A 152 -7.05 10.88 10.10
CA SER A 152 -6.13 11.25 9.06
C SER A 152 -6.49 10.66 7.72
N ASN A 153 -7.57 11.20 7.15
CA ASN A 153 -8.15 10.73 5.91
C ASN A 153 -9.13 11.76 5.38
N ILE A 154 -9.33 11.78 4.08
CA ILE A 154 -10.48 12.44 3.51
C ILE A 154 -11.73 11.82 4.16
N GLY A 155 -12.66 12.66 4.60
CA GLY A 155 -13.81 12.18 5.34
C GLY A 155 -13.48 11.92 6.81
N GLY A 156 -12.23 12.15 7.20
CA GLY A 156 -11.80 11.92 8.58
C GLY A 156 -12.80 12.40 9.61
N LYS A 157 -13.29 13.62 9.47
CA LYS A 157 -14.26 14.16 10.42
C LYS A 157 -15.58 13.37 10.43
N GLN A 158 -16.12 13.10 9.25
CA GLN A 158 -17.37 12.34 9.15
C GLN A 158 -17.18 10.97 9.78
N ALA A 159 -16.02 10.38 9.53
CA ALA A 159 -15.69 9.07 10.08
C ALA A 159 -15.67 9.09 11.61
N LEU A 160 -15.11 10.15 12.20
CA LEU A 160 -15.08 10.25 13.67
C LEU A 160 -16.49 10.39 14.24
N GLU A 161 -17.33 11.17 13.55
CA GLU A 161 -18.68 11.42 14.00
C GLU A 161 -19.51 10.14 13.93
N THR A 162 -19.28 9.34 12.89
CA THR A 162 -20.01 8.10 12.66
C THR A 162 -19.56 6.98 13.60
N VAL A 163 -18.25 6.85 13.80
CA VAL A 163 -17.74 5.91 14.81
C VAL A 163 -18.42 6.17 16.15
N GLN A 164 -18.50 7.43 16.56
CA GLN A 164 -19.19 7.79 17.81
C GLN A 164 -20.59 7.21 17.85
N ARG A 165 -21.27 7.30 16.71
CA ARG A 165 -22.65 6.81 16.60
C ARG A 165 -22.76 5.30 16.45
N LEU A 166 -21.93 4.72 15.59
CA LEU A 166 -22.11 3.32 15.20
C LEU A 166 -21.25 2.32 15.97
N LEU A 167 -20.18 2.81 16.61
CA LEU A 167 -19.31 1.91 17.37
C LEU A 167 -20.12 1.04 18.32
N PRO A 168 -20.93 1.67 19.17
CA PRO A 168 -21.61 0.82 20.15
C PRO A 168 -22.65 -0.11 19.52
N VAL A 169 -23.34 0.34 18.47
CA VAL A 169 -24.32 -0.49 17.79
C VAL A 169 -23.70 -1.70 17.10
N LEU A 170 -22.55 -1.48 16.46
CA LEU A 170 -21.84 -2.55 15.76
C LEU A 170 -21.27 -3.58 16.73
N CYS A 171 -20.70 -3.11 17.83
CA CYS A 171 -20.15 -4.00 18.84
C CYS A 171 -21.27 -4.77 19.58
N GLN A 172 -22.39 -4.10 19.83
CA GLN A 172 -23.42 -4.70 20.67
C GLN A 172 -24.50 -5.49 19.90
N ASP A 173 -24.63 -5.22 18.60
CA ASP A 173 -25.61 -5.93 17.80
C ASP A 173 -24.96 -6.92 16.84
N HIS A 174 -23.68 -6.73 16.53
CA HIS A 174 -23.06 -7.58 15.52
C HIS A 174 -21.80 -8.32 15.96
N GLY A 175 -21.39 -8.13 17.22
CA GLY A 175 -20.21 -8.80 17.74
C GLY A 175 -18.87 -8.27 17.27
N LEU A 176 -18.86 -7.14 16.56
CA LEU A 176 -17.58 -6.54 16.14
C LEU A 176 -16.77 -6.05 17.35
N THR A 177 -15.44 -6.09 17.24
CA THR A 177 -14.60 -5.49 18.28
C THR A 177 -14.38 -4.01 17.97
N PRO A 178 -14.15 -3.20 19.02
CA PRO A 178 -13.81 -1.79 18.76
C PRO A 178 -12.70 -1.65 17.72
N GLN A 179 -11.66 -2.48 17.79
CA GLN A 179 -10.57 -2.41 16.82
C GLN A 179 -11.05 -2.72 15.41
N GLN A 180 -12.02 -3.62 15.29
CA GLN A 180 -12.60 -3.91 13.98
C GLN A 180 -13.31 -2.67 13.44
N VAL A 181 -14.11 -2.03 14.29
CA VAL A 181 -14.78 -0.79 13.91
C VAL A 181 -13.73 0.25 13.48
N VAL A 182 -12.67 0.40 14.27
CA VAL A 182 -11.62 1.37 13.93
C VAL A 182 -11.03 1.03 12.58
N ALA A 183 -10.71 -0.24 12.36
CA ALA A 183 -10.11 -0.66 11.10
C ALA A 183 -10.99 -0.29 9.89
N ILE A 184 -12.29 -0.54 10.03
CA ILE A 184 -13.24 -0.17 8.97
C ILE A 184 -13.25 1.34 8.74
N ALA A 185 -13.21 2.09 9.83
CA ALA A 185 -13.35 3.54 9.77
C ALA A 185 -12.06 4.24 9.35
N SER A 186 -10.95 3.51 9.32
CA SER A 186 -9.63 4.13 9.14
C SER A 186 -9.13 4.24 7.70
N ASN A 187 -10.01 4.10 6.71
CA ASN A 187 -9.61 4.42 5.36
C ASN A 187 -10.39 5.63 4.86
N GLY A 188 -10.17 6.05 3.62
CA GLY A 188 -10.99 7.10 3.06
C GLY A 188 -12.46 6.71 3.09
N GLY A 189 -13.33 7.67 3.35
CA GLY A 189 -14.77 7.41 3.39
C GLY A 189 -15.18 6.48 4.51
N GLY A 190 -14.54 6.64 5.67
CA GLY A 190 -14.84 5.83 6.83
C GLY A 190 -16.32 5.80 7.21
N LYS A 191 -17.00 6.94 7.06
CA LYS A 191 -18.41 7.03 7.38
C LYS A 191 -19.27 6.08 6.52
N GLN A 192 -19.05 6.10 5.21
CA GLN A 192 -19.76 5.24 4.27
C GLN A 192 -19.42 3.79 4.52
N ALA A 193 -18.16 3.53 4.86
CA ALA A 193 -17.71 2.17 5.08
C ALA A 193 -18.43 1.59 6.30
N LEU A 194 -18.50 2.39 7.36
CA LEU A 194 -19.21 1.99 8.58
C LEU A 194 -20.70 1.76 8.31
N GLU A 195 -21.34 2.68 7.59
CA GLU A 195 -22.77 2.54 7.29
C GLU A 195 -23.05 1.33 6.42
N THR A 196 -22.12 1.03 5.52
CA THR A 196 -22.29 -0.08 4.61
C THR A 196 -22.16 -1.40 5.37
N VAL A 197 -21.21 -1.46 6.30
CA VAL A 197 -21.07 -2.63 7.16
C VAL A 197 -22.31 -2.85 8.01
N GLN A 198 -22.89 -1.77 8.53
CA GLN A 198 -24.07 -1.89 9.37
C GLN A 198 -25.20 -2.51 8.54
N ARG A 199 -25.32 -2.02 7.31
CA ARG A 199 -26.32 -2.40 6.32
C ARG A 199 -26.16 -3.84 5.78
N LEU A 200 -24.94 -4.18 5.39
CA LEU A 200 -24.74 -5.40 4.65
C LEU A 200 -24.28 -6.58 5.48
N LEU A 201 -23.75 -6.30 6.66
CA LEU A 201 -23.27 -7.38 7.51
C LEU A 201 -24.40 -8.40 7.82
N PRO A 202 -25.54 -7.94 8.33
CA PRO A 202 -26.61 -8.91 8.57
C PRO A 202 -27.05 -9.59 7.28
N VAL A 203 -27.02 -8.86 6.16
CA VAL A 203 -27.41 -9.42 4.87
C VAL A 203 -26.49 -10.57 4.45
N LEU A 204 -25.19 -10.32 4.51
CA LEU A 204 -24.19 -11.27 4.02
C LEU A 204 -24.04 -12.48 4.95
N CYS A 205 -24.23 -12.24 6.25
CA CYS A 205 -24.15 -13.33 7.20
C CYS A 205 -25.39 -14.25 7.13
N GLN A 206 -26.57 -13.65 6.96
CA GLN A 206 -27.82 -14.38 7.00
C GLN A 206 -28.15 -15.07 5.70
N ALA A 207 -27.77 -14.44 4.59
CA ALA A 207 -28.12 -14.94 3.26
C ALA A 207 -27.01 -15.75 2.60
N HIS A 208 -25.76 -15.41 2.87
CA HIS A 208 -24.64 -16.05 2.16
C HIS A 208 -23.67 -16.80 3.07
N GLY A 209 -23.94 -16.84 4.36
CA GLY A 209 -23.06 -17.55 5.27
C GLY A 209 -21.65 -16.97 5.42
N LEU A 210 -21.51 -15.65 5.26
CA LEU A 210 -20.25 -15.00 5.62
C LEU A 210 -20.20 -14.84 7.13
N THR A 211 -19.02 -15.00 7.72
CA THR A 211 -18.84 -14.64 9.12
C THR A 211 -18.66 -13.12 9.23
N PRO A 212 -18.94 -12.56 10.41
CA PRO A 212 -18.65 -11.13 10.59
C PRO A 212 -17.17 -10.82 10.35
N ASP A 213 -16.26 -11.70 10.77
CA ASP A 213 -14.84 -11.47 10.49
C ASP A 213 -14.59 -11.32 8.98
N GLN A 214 -15.32 -12.07 8.17
CA GLN A 214 -15.15 -11.99 6.72
C GLN A 214 -15.64 -10.65 6.19
N VAL A 215 -16.78 -10.20 6.70
CA VAL A 215 -17.29 -8.88 6.34
C VAL A 215 -16.26 -7.79 6.70
N VAL A 216 -15.71 -7.88 7.91
CA VAL A 216 -14.75 -6.88 8.36
C VAL A 216 -13.54 -6.87 7.43
N ALA A 217 -13.04 -8.07 7.09
CA ALA A 217 -11.88 -8.16 6.24
C ALA A 217 -12.12 -7.53 4.87
N ILE A 218 -13.32 -7.72 4.30
CA ILE A 218 -13.61 -7.11 3.01
C ILE A 218 -13.67 -5.59 3.13
N ALA A 219 -14.26 -5.12 4.22
CA ALA A 219 -14.55 -3.70 4.38
C ALA A 219 -13.33 -2.88 4.84
N SER A 220 -12.33 -3.54 5.42
CA SER A 220 -11.24 -2.79 6.04
C SER A 220 -10.02 -2.56 5.12
N HIS A 221 -10.29 -2.30 3.86
CA HIS A 221 -9.28 -1.93 2.90
C HIS A 221 -9.81 -0.71 2.21
N ASP A 222 -8.91 0.04 1.58
CA ASP A 222 -9.28 1.13 0.71
C ASP A 222 -10.29 0.63 -0.31
N GLY A 223 -11.39 1.35 -0.46
CA GLY A 223 -12.45 0.93 -1.35
C GLY A 223 -13.27 -0.23 -0.80
N GLY A 224 -13.18 -0.45 0.51
CA GLY A 224 -13.90 -1.51 1.20
C GLY A 224 -15.40 -1.45 1.04
N LYS A 225 -15.97 -0.25 1.12
CA LYS A 225 -17.40 -0.10 0.93
C LYS A 225 -17.86 -0.67 -0.40
N GLN A 226 -17.15 -0.30 -1.46
CA GLN A 226 -17.53 -0.71 -2.81
C GLN A 226 -17.27 -2.20 -2.97
N ALA A 227 -16.19 -2.69 -2.36
CA ALA A 227 -15.96 -4.13 -2.33
C ALA A 227 -17.15 -4.89 -1.70
N LEU A 228 -17.66 -4.41 -0.57
CA LEU A 228 -18.77 -5.07 0.11
C LEU A 228 -20.00 -5.11 -0.78
N GLU A 229 -20.35 -3.96 -1.36
CA GLU A 229 -21.47 -3.84 -2.25
C GLU A 229 -21.35 -4.75 -3.46
N THR A 230 -20.15 -4.91 -4.01
CA THR A 230 -20.05 -5.81 -5.16
C THR A 230 -20.03 -7.30 -4.76
N VAL A 231 -19.56 -7.61 -3.56
CA VAL A 231 -19.73 -8.95 -3.02
C VAL A 231 -21.23 -9.25 -2.91
N GLN A 232 -21.98 -8.32 -2.34
CA GLN A 232 -23.41 -8.55 -2.22
C GLN A 232 -24.06 -8.85 -3.56
N ARG A 233 -23.66 -8.13 -4.60
CA ARG A 233 -24.32 -8.26 -5.90
C ARG A 233 -23.87 -9.47 -6.71
N LEU A 234 -22.60 -9.86 -6.57
CA LEU A 234 -22.02 -10.82 -7.52
C LEU A 234 -21.87 -12.20 -6.93
N LEU A 235 -21.87 -12.29 -5.60
CA LEU A 235 -21.76 -13.59 -4.93
C LEU A 235 -22.83 -14.58 -5.41
N PRO A 236 -24.09 -14.15 -5.48
CA PRO A 236 -25.09 -15.15 -5.89
C PRO A 236 -24.81 -15.66 -7.31
N VAL A 237 -24.41 -14.75 -8.19
CA VAL A 237 -24.14 -15.06 -9.59
C VAL A 237 -22.92 -15.94 -9.74
N LEU A 238 -21.84 -15.55 -9.08
CA LEU A 238 -20.60 -16.32 -9.09
C LEU A 238 -20.83 -17.70 -8.53
N CYS A 239 -21.60 -17.80 -7.44
CA CYS A 239 -21.85 -19.10 -6.84
C CYS A 239 -22.76 -19.98 -7.72
N GLN A 240 -23.86 -19.42 -8.21
CA GLN A 240 -24.75 -20.18 -9.08
C GLN A 240 -24.10 -20.56 -10.42
N ASP A 241 -23.54 -19.57 -11.12
CA ASP A 241 -22.93 -19.81 -12.43
C ASP A 241 -21.68 -20.67 -12.37
N HIS A 242 -20.82 -20.43 -11.38
CA HIS A 242 -19.62 -21.22 -11.26
C HIS A 242 -19.57 -21.83 -9.88
N GLY A 243 -18.50 -22.53 -9.55
CA GLY A 243 -18.52 -23.24 -8.28
C GLY A 243 -18.30 -22.33 -7.08
N LEU A 244 -18.04 -21.05 -7.34
CA LEU A 244 -17.42 -20.21 -6.33
C LEU A 244 -18.14 -20.28 -5.00
N THR A 245 -17.36 -20.47 -3.94
CA THR A 245 -17.95 -20.52 -2.61
C THR A 245 -17.85 -19.15 -1.98
N PRO A 246 -18.68 -18.90 -0.96
CA PRO A 246 -18.60 -17.65 -0.19
C PRO A 246 -17.17 -17.33 0.21
N GLN A 247 -16.43 -18.32 0.69
CA GLN A 247 -15.08 -18.04 1.14
C GLN A 247 -14.08 -17.75 0.01
N GLN A 248 -14.29 -18.35 -1.16
CA GLN A 248 -13.53 -17.94 -2.33
C GLN A 248 -13.82 -16.48 -2.68
N VAL A 249 -15.10 -16.11 -2.70
CA VAL A 249 -15.46 -14.73 -3.01
C VAL A 249 -14.81 -13.77 -2.02
N VAL A 250 -14.81 -14.14 -0.74
CA VAL A 250 -14.23 -13.30 0.30
C VAL A 250 -12.73 -13.10 0.07
N ALA A 251 -12.06 -14.14 -0.39
CA ALA A 251 -10.62 -14.05 -0.62
C ALA A 251 -10.31 -13.08 -1.76
N ILE A 252 -11.17 -13.07 -2.77
CA ILE A 252 -10.99 -12.17 -3.90
C ILE A 252 -11.23 -10.72 -3.50
N ALA A 253 -12.25 -10.51 -2.68
CA ALA A 253 -12.71 -9.18 -2.31
C ALA A 253 -11.85 -8.53 -1.21
N SER A 254 -11.10 -9.33 -0.46
CA SER A 254 -10.40 -8.85 0.72
C SER A 254 -9.04 -8.24 0.43
N ASN A 255 -8.84 -7.73 -0.78
CA ASN A 255 -7.65 -6.93 -1.06
C ASN A 255 -8.05 -5.58 -1.64
N ILE A 256 -7.13 -4.62 -1.57
CA ILE A 256 -7.25 -3.40 -2.35
C ILE A 256 -7.55 -3.83 -3.78
N GLY A 257 -8.44 -3.11 -4.44
CA GLY A 257 -8.87 -3.49 -5.78
C GLY A 257 -9.87 -4.65 -5.75
N GLY A 258 -10.38 -4.98 -4.57
CA GLY A 258 -11.26 -6.13 -4.41
C GLY A 258 -12.44 -6.08 -5.36
N LYS A 259 -13.07 -4.91 -5.45
CA LYS A 259 -14.20 -4.71 -6.35
C LYS A 259 -13.86 -5.12 -7.78
N GLN A 260 -12.81 -4.51 -8.32
CA GLN A 260 -12.48 -4.73 -9.72
C GLN A 260 -12.03 -6.17 -9.92
N ALA A 261 -11.36 -6.72 -8.92
CA ALA A 261 -10.98 -8.13 -8.96
C ALA A 261 -12.22 -9.03 -9.09
N LEU A 262 -13.25 -8.79 -8.28
CA LEU A 262 -14.47 -9.60 -8.36
C LEU A 262 -15.15 -9.44 -9.70
N GLU A 263 -15.28 -8.19 -10.14
CA GLU A 263 -15.89 -7.91 -11.44
C GLU A 263 -15.15 -8.57 -12.59
N THR A 264 -13.82 -8.63 -12.50
CA THR A 264 -13.02 -9.21 -13.57
C THR A 264 -13.14 -10.73 -13.57
N VAL A 265 -13.21 -11.33 -12.38
CA VAL A 265 -13.52 -12.76 -12.30
C VAL A 265 -14.84 -13.03 -13.01
N GLN A 266 -15.82 -12.19 -12.71
CA GLN A 266 -17.12 -12.27 -13.34
C GLN A 266 -16.98 -12.21 -14.86
N ARG A 267 -16.23 -11.22 -15.33
CA ARG A 267 -16.06 -11.00 -16.77
C ARG A 267 -15.25 -12.11 -17.45
N LEU A 268 -14.14 -12.52 -16.82
CA LEU A 268 -13.12 -13.33 -17.51
C LEU A 268 -13.19 -14.84 -17.24
N LEU A 269 -13.80 -15.23 -16.15
CA LEU A 269 -13.79 -16.62 -15.79
C LEU A 269 -14.25 -17.54 -16.93
N PRO A 270 -15.35 -17.16 -17.62
CA PRO A 270 -15.84 -18.03 -18.70
C PRO A 270 -14.84 -18.23 -19.82
N VAL A 271 -14.24 -17.16 -20.35
CA VAL A 271 -13.27 -17.30 -21.43
C VAL A 271 -11.98 -17.98 -20.97
N LEU A 272 -11.55 -17.67 -19.75
CA LEU A 272 -10.35 -18.30 -19.19
C LEU A 272 -10.57 -19.82 -19.05
N CYS A 273 -11.77 -20.23 -18.69
CA CYS A 273 -12.04 -21.65 -18.52
C CYS A 273 -12.31 -22.33 -19.86
N GLN A 274 -13.16 -21.72 -20.68
CA GLN A 274 -13.56 -22.33 -21.94
C GLN A 274 -12.45 -22.30 -22.98
N ASP A 275 -11.85 -21.13 -23.18
CA ASP A 275 -10.84 -20.98 -24.24
C ASP A 275 -9.41 -21.33 -23.82
N HIS A 276 -9.11 -21.26 -22.53
CA HIS A 276 -7.74 -21.52 -22.08
C HIS A 276 -7.64 -22.76 -21.21
N GLY A 277 -8.78 -23.37 -20.93
CA GLY A 277 -8.85 -24.63 -20.22
C GLY A 277 -8.60 -24.56 -18.72
N LEU A 278 -8.57 -23.35 -18.15
CA LEU A 278 -8.40 -23.23 -16.71
C LEU A 278 -9.66 -23.69 -15.98
N THR A 279 -9.51 -24.02 -14.69
CA THR A 279 -10.67 -24.21 -13.84
C THR A 279 -11.00 -22.93 -13.06
N PRO A 280 -12.25 -22.83 -12.60
CA PRO A 280 -12.67 -21.77 -11.68
C PRO A 280 -11.77 -21.67 -10.45
N ASP A 281 -11.32 -22.79 -9.88
CA ASP A 281 -10.37 -22.74 -8.78
C ASP A 281 -9.08 -22.00 -9.18
N GLN A 282 -8.62 -22.22 -10.40
CA GLN A 282 -7.40 -21.54 -10.81
C GLN A 282 -7.65 -20.04 -10.99
N VAL A 283 -8.79 -19.71 -11.56
CA VAL A 283 -9.18 -18.32 -11.75
C VAL A 283 -9.20 -17.59 -10.39
N VAL A 284 -9.84 -18.22 -9.40
CA VAL A 284 -9.89 -17.70 -8.05
C VAL A 284 -8.50 -17.43 -7.47
N ALA A 285 -7.58 -18.36 -7.71
CA ALA A 285 -6.24 -18.27 -7.17
C ALA A 285 -5.56 -17.02 -7.72
N ILE A 286 -5.67 -16.81 -9.03
CA ILE A 286 -5.10 -15.63 -9.68
C ILE A 286 -5.71 -14.33 -9.16
N ALA A 287 -7.02 -14.34 -8.92
CA ALA A 287 -7.75 -13.12 -8.52
C ALA A 287 -7.62 -12.76 -7.03
N SER A 288 -7.07 -13.67 -6.23
CA SER A 288 -7.09 -13.50 -4.78
C SER A 288 -5.88 -12.76 -4.21
N ASN A 289 -5.17 -12.00 -5.04
CA ASN A 289 -4.10 -11.15 -4.54
C ASN A 289 -4.30 -9.72 -5.04
N ASP A 290 -3.66 -8.76 -4.37
CA ASP A 290 -3.59 -7.42 -4.90
C ASP A 290 -3.26 -7.53 -6.39
N GLY A 291 -3.88 -6.67 -7.20
CA GLY A 291 -3.64 -6.67 -8.63
C GLY A 291 -4.36 -7.79 -9.36
N GLY A 292 -5.23 -8.51 -8.64
CA GLY A 292 -6.00 -9.59 -9.24
C GLY A 292 -6.62 -9.26 -10.58
N LYS A 293 -7.23 -8.08 -10.70
CA LYS A 293 -7.79 -7.68 -11.98
C LYS A 293 -6.76 -7.77 -13.10
N GLN A 294 -5.64 -7.07 -12.95
CA GLN A 294 -4.58 -7.08 -13.97
C GLN A 294 -3.97 -8.46 -14.18
N ALA A 295 -3.86 -9.21 -13.08
CA ALA A 295 -3.31 -10.55 -13.15
C ALA A 295 -4.17 -11.42 -14.05
N LEU A 296 -5.48 -11.35 -13.84
CA LEU A 296 -6.41 -12.11 -14.67
C LEU A 296 -6.29 -11.68 -16.12
N GLU A 297 -6.37 -10.38 -16.37
CA GLU A 297 -6.25 -9.84 -17.73
C GLU A 297 -4.93 -10.24 -18.38
N THR A 298 -3.85 -10.18 -17.61
CA THR A 298 -2.54 -10.56 -18.14
C THR A 298 -2.47 -12.05 -18.45
N VAL A 299 -3.05 -12.88 -17.60
CA VAL A 299 -3.12 -14.31 -17.90
C VAL A 299 -3.86 -14.56 -19.21
N GLN A 300 -5.00 -13.90 -19.40
CA GLN A 300 -5.75 -14.06 -20.64
C GLN A 300 -4.84 -13.69 -21.80
N ARG A 301 -4.06 -12.64 -21.62
CA ARG A 301 -3.25 -12.12 -22.71
C ARG A 301 -2.01 -12.97 -22.98
N LEU A 302 -1.30 -13.35 -21.94
CA LEU A 302 0.02 -13.94 -22.10
C LEU A 302 0.04 -15.46 -22.04
N LEU A 303 -1.04 -16.05 -21.52
CA LEU A 303 -1.04 -17.50 -21.35
C LEU A 303 -0.62 -18.22 -22.63
N PRO A 304 -1.29 -17.92 -23.75
CA PRO A 304 -0.96 -18.66 -24.97
C PRO A 304 0.45 -18.36 -25.46
N VAL A 305 0.91 -17.13 -25.31
CA VAL A 305 2.26 -16.80 -25.79
C VAL A 305 3.30 -17.52 -24.94
N LEU A 306 3.07 -17.58 -23.63
CA LEU A 306 4.03 -18.22 -22.74
C LEU A 306 4.06 -19.72 -23.00
N CYS A 307 2.89 -20.30 -23.22
CA CYS A 307 2.80 -21.73 -23.52
C CYS A 307 3.34 -22.09 -24.91
N GLN A 308 3.01 -21.27 -25.90
CA GLN A 308 3.46 -21.54 -27.26
C GLN A 308 4.92 -21.16 -27.52
N ASP A 309 5.40 -20.06 -26.94
CA ASP A 309 6.78 -19.63 -27.19
C ASP A 309 7.81 -20.28 -26.26
N HIS A 310 7.44 -20.54 -25.03
CA HIS A 310 8.42 -21.09 -24.08
C HIS A 310 8.04 -22.46 -23.53
N GLY A 311 6.95 -23.04 -24.04
CA GLY A 311 6.55 -24.37 -23.66
C GLY A 311 6.11 -24.47 -22.21
N LEU A 312 5.75 -23.33 -21.62
CA LEU A 312 5.17 -23.33 -20.30
C LEU A 312 3.84 -24.05 -20.37
N THR A 313 3.43 -24.65 -19.25
CA THR A 313 2.11 -25.24 -19.15
C THR A 313 1.15 -24.21 -18.53
N PRO A 314 -0.17 -24.40 -18.73
CA PRO A 314 -1.11 -23.47 -18.08
C PRO A 314 -0.92 -23.47 -16.55
N GLU A 315 -0.67 -24.63 -15.97
CA GLU A 315 -0.40 -24.73 -14.53
C GLU A 315 0.75 -23.78 -14.12
N GLN A 316 1.80 -23.76 -14.91
CA GLN A 316 2.94 -22.90 -14.63
C GLN A 316 2.55 -21.43 -14.71
N VAL A 317 1.82 -21.09 -15.77
CA VAL A 317 1.34 -19.73 -15.94
C VAL A 317 0.48 -19.29 -14.76
N VAL A 318 -0.39 -20.19 -14.29
CA VAL A 318 -1.23 -19.89 -13.14
C VAL A 318 -0.41 -19.70 -11.87
N ALA A 319 0.61 -20.53 -11.70
CA ALA A 319 1.49 -20.43 -10.53
C ALA A 319 2.21 -19.07 -10.47
N ILE A 320 2.63 -18.58 -11.63
CA ILE A 320 3.34 -17.31 -11.68
C ILE A 320 2.39 -16.14 -11.34
N ALA A 321 1.15 -16.27 -11.82
CA ALA A 321 0.16 -15.20 -11.71
C ALA A 321 -0.54 -15.18 -10.35
N SER A 322 -0.30 -16.22 -9.54
CA SER A 322 -1.02 -16.39 -8.27
C SER A 322 -0.29 -15.82 -7.07
N ASN A 323 0.42 -14.70 -7.27
CA ASN A 323 1.01 -13.95 -6.15
C ASN A 323 0.73 -12.48 -6.37
N GLY A 324 0.99 -11.66 -5.38
CA GLY A 324 0.81 -10.22 -5.54
C GLY A 324 1.48 -9.74 -6.82
N GLY A 325 0.82 -8.84 -7.54
CA GLY A 325 1.34 -8.33 -8.80
C GLY A 325 1.61 -9.38 -9.86
N GLY A 326 0.64 -10.26 -10.07
CA GLY A 326 0.76 -11.30 -11.07
C GLY A 326 1.07 -10.75 -12.46
N LYS A 327 0.45 -9.63 -12.80
CA LYS A 327 0.68 -9.01 -14.10
C LYS A 327 2.16 -8.73 -14.34
N GLN A 328 2.81 -8.13 -13.35
CA GLN A 328 4.22 -7.77 -13.46
C GLN A 328 5.06 -9.03 -13.51
N ALA A 329 4.72 -10.00 -12.66
CA ALA A 329 5.41 -11.28 -12.63
C ALA A 329 5.36 -11.97 -13.99
N LEU A 330 4.18 -12.01 -14.58
CA LEU A 330 4.02 -12.65 -15.88
C LEU A 330 4.84 -11.93 -16.94
N GLU A 331 4.77 -10.61 -16.96
CA GLU A 331 5.50 -9.84 -17.96
C GLU A 331 7.01 -10.01 -17.80
N THR A 332 7.44 -10.19 -16.56
CA THR A 332 8.85 -10.30 -16.26
C THR A 332 9.36 -11.66 -16.71
N VAL A 333 8.56 -12.70 -16.49
CA VAL A 333 8.89 -14.02 -17.02
C VAL A 333 9.00 -13.92 -18.55
N GLN A 334 8.03 -13.26 -19.17
CA GLN A 334 8.09 -13.08 -20.61
C GLN A 334 9.39 -12.39 -21.04
N ARG A 335 9.85 -11.41 -20.25
CA ARG A 335 11.10 -10.69 -20.55
C ARG A 335 12.35 -11.50 -20.30
N LEU A 336 12.43 -12.11 -19.12
CA LEU A 336 13.70 -12.62 -18.62
C LEU A 336 13.88 -14.13 -18.81
N LEU A 337 12.81 -14.83 -19.15
CA LEU A 337 12.92 -16.29 -19.36
C LEU A 337 13.90 -16.62 -20.49
N PRO A 338 13.73 -15.99 -21.67
CA PRO A 338 14.70 -16.25 -22.73
C PRO A 338 16.09 -15.75 -22.36
N VAL A 339 16.18 -14.58 -21.73
CA VAL A 339 17.48 -14.03 -21.35
C VAL A 339 18.28 -14.96 -20.43
N LEU A 340 17.64 -15.37 -19.34
CA LEU A 340 18.28 -16.23 -18.33
C LEU A 340 18.59 -17.63 -18.89
N CYS A 341 17.72 -18.14 -19.76
CA CYS A 341 17.96 -19.44 -20.37
C CYS A 341 19.11 -19.39 -21.38
N GLN A 342 19.19 -18.31 -22.14
CA GLN A 342 20.25 -18.16 -23.15
C GLN A 342 21.60 -17.70 -22.60
N ALA A 343 21.57 -16.81 -21.61
CA ALA A 343 22.78 -16.17 -21.15
C ALA A 343 23.32 -16.83 -19.90
N HIS A 344 22.43 -17.31 -19.05
CA HIS A 344 22.82 -17.64 -17.69
C HIS A 344 22.64 -19.11 -17.38
N GLY A 345 22.40 -19.91 -18.43
CA GLY A 345 22.30 -21.34 -18.30
C GLY A 345 20.92 -21.86 -17.96
N LEU A 346 20.23 -21.12 -17.07
CA LEU A 346 18.93 -21.53 -16.53
C LEU A 346 17.98 -22.27 -17.49
N THR A 347 17.17 -23.15 -16.90
CA THR A 347 16.09 -23.82 -17.61
C THR A 347 14.77 -23.06 -17.39
N PRO A 348 13.82 -23.20 -18.31
CA PRO A 348 12.48 -22.63 -18.21
C PRO A 348 11.75 -23.06 -16.95
N ASP A 349 11.91 -24.32 -16.53
CA ASP A 349 11.31 -24.77 -15.27
C ASP A 349 11.91 -24.02 -14.10
N GLN A 350 13.21 -23.72 -14.20
CA GLN A 350 13.90 -22.98 -13.14
C GLN A 350 13.42 -21.53 -13.06
N VAL A 351 13.15 -20.93 -14.21
CA VAL A 351 12.67 -19.56 -14.24
C VAL A 351 11.30 -19.52 -13.58
N VAL A 352 10.46 -20.50 -13.93
CA VAL A 352 9.12 -20.61 -13.38
C VAL A 352 9.17 -20.76 -11.86
N ALA A 353 10.10 -21.57 -11.37
CA ALA A 353 10.18 -21.83 -9.94
C ALA A 353 10.55 -20.56 -9.16
N ILE A 354 11.54 -19.83 -9.64
CA ILE A 354 11.92 -18.57 -9.01
C ILE A 354 10.77 -17.57 -9.05
N ALA A 355 10.11 -17.46 -10.19
CA ALA A 355 9.06 -16.48 -10.40
C ALA A 355 7.79 -16.78 -9.60
N SER A 356 7.61 -18.05 -9.19
CA SER A 356 6.42 -18.48 -8.49
C SER A 356 6.42 -18.26 -6.97
N HIS A 357 7.12 -17.24 -6.50
CA HIS A 357 7.03 -16.87 -5.09
C HIS A 357 6.47 -15.47 -4.92
N ASP A 358 6.01 -15.18 -3.70
CA ASP A 358 5.51 -13.86 -3.34
C ASP A 358 6.21 -12.74 -4.09
N GLY A 359 7.53 -12.73 -4.03
CA GLY A 359 8.30 -11.68 -4.68
C GLY A 359 9.09 -12.16 -5.89
N GLY A 360 8.41 -12.92 -6.75
CA GLY A 360 9.03 -13.55 -7.90
C GLY A 360 9.64 -12.60 -8.92
N LYS A 361 8.87 -11.62 -9.36
CA LYS A 361 9.36 -10.66 -10.36
C LYS A 361 10.67 -10.02 -9.94
N GLN A 362 10.81 -9.67 -8.66
CA GLN A 362 12.01 -8.98 -8.21
C GLN A 362 13.15 -9.97 -8.05
N ALA A 363 12.83 -11.20 -7.68
CA ALA A 363 13.84 -12.25 -7.57
C ALA A 363 14.43 -12.59 -8.95
N LEU A 364 13.60 -12.55 -10.00
CA LEU A 364 14.09 -12.81 -11.35
C LEU A 364 15.09 -11.76 -11.78
N GLU A 365 14.72 -10.50 -11.55
CA GLU A 365 15.56 -9.38 -11.93
C GLU A 365 16.83 -9.35 -11.11
N THR A 366 16.72 -9.74 -9.84
CA THR A 366 17.89 -9.82 -8.98
C THR A 366 18.82 -10.92 -9.48
N VAL A 367 18.27 -12.06 -9.88
CA VAL A 367 19.08 -13.14 -10.43
C VAL A 367 19.81 -12.69 -11.69
N GLN A 368 19.08 -12.11 -12.63
CA GLN A 368 19.70 -11.56 -13.83
C GLN A 368 20.82 -10.59 -13.47
N ARG A 369 20.56 -9.72 -12.50
CA ARG A 369 21.49 -8.66 -12.15
C ARG A 369 22.75 -9.18 -11.47
N LEU A 370 22.57 -10.13 -10.57
CA LEU A 370 23.66 -10.52 -9.68
C LEU A 370 24.40 -11.78 -10.12
N LEU A 371 23.79 -12.55 -11.01
CA LEU A 371 24.39 -13.81 -11.42
C LEU A 371 25.78 -13.63 -12.07
N PRO A 372 25.89 -12.75 -13.08
CA PRO A 372 27.20 -12.55 -13.71
C PRO A 372 28.27 -12.13 -12.70
N VAL A 373 27.89 -11.33 -11.71
CA VAL A 373 28.82 -10.90 -10.68
C VAL A 373 29.19 -12.02 -9.70
N LEU A 374 28.19 -12.76 -9.24
CA LEU A 374 28.45 -13.85 -8.31
C LEU A 374 29.36 -14.90 -8.94
N CYS A 375 29.19 -15.11 -10.25
CA CYS A 375 30.02 -16.08 -10.94
C CYS A 375 31.47 -15.58 -11.13
N GLN A 376 31.64 -14.31 -11.49
CA GLN A 376 32.98 -13.76 -11.72
C GLN A 376 33.80 -13.72 -10.43
N ASP A 377 33.22 -13.15 -9.38
CA ASP A 377 33.94 -12.92 -8.13
C ASP A 377 34.08 -14.19 -7.29
N HIS A 378 33.07 -15.03 -7.34
CA HIS A 378 33.07 -16.27 -6.59
C HIS A 378 32.73 -17.39 -7.56
N GLY A 379 32.88 -18.63 -7.15
CA GLY A 379 32.65 -19.71 -8.09
C GLY A 379 31.22 -19.95 -8.53
N LEU A 380 30.28 -19.19 -7.98
CA LEU A 380 28.84 -19.45 -8.12
C LEU A 380 28.38 -19.94 -9.50
N THR A 381 27.67 -21.06 -9.53
CA THR A 381 27.08 -21.55 -10.76
C THR A 381 25.62 -21.09 -10.90
N PRO A 382 25.12 -21.01 -12.14
CA PRO A 382 23.71 -20.63 -12.30
C PRO A 382 22.77 -21.46 -11.42
N ALA A 383 23.08 -22.74 -11.25
CA ALA A 383 22.25 -23.62 -10.41
C ALA A 383 22.24 -23.18 -8.96
N GLN A 384 23.41 -22.79 -8.45
CA GLN A 384 23.50 -22.30 -7.08
C GLN A 384 22.66 -21.04 -6.94
N ALA A 385 22.78 -20.14 -7.91
CA ALA A 385 21.96 -18.93 -7.92
C ALA A 385 20.48 -19.25 -7.90
N VAL A 386 20.06 -20.22 -8.71
CA VAL A 386 18.66 -20.64 -8.71
C VAL A 386 18.26 -21.13 -7.32
N ALA A 387 19.11 -21.97 -6.74
CA ALA A 387 18.78 -22.61 -5.47
C ALA A 387 18.53 -21.56 -4.40
N ILE A 388 19.30 -20.48 -4.45
CA ILE A 388 19.12 -19.38 -3.53
C ILE A 388 17.82 -18.61 -3.81
N ALA A 389 17.61 -18.25 -5.07
CA ALA A 389 16.49 -17.42 -5.45
C ALA A 389 15.16 -18.17 -5.29
N ASN A 390 15.24 -19.49 -5.34
CA ASN A 390 14.06 -20.36 -5.33
C ASN A 390 13.41 -20.50 -3.95
N ASN A 391 13.15 -19.40 -3.28
CA ASN A 391 12.59 -19.44 -1.94
C ASN A 391 11.65 -18.28 -1.70
N ASN A 392 10.88 -18.34 -0.61
CA ASN A 392 10.01 -17.23 -0.24
C ASN A 392 10.70 -15.88 -0.38
N GLY A 393 11.83 -15.71 0.31
CA GLY A 393 12.64 -14.52 0.11
C GLY A 393 13.23 -14.57 -1.29
N GLY A 394 14.55 -14.68 -1.38
CA GLY A 394 15.16 -14.88 -2.68
C GLY A 394 15.89 -13.65 -3.20
N LYS A 395 15.14 -12.60 -3.51
CA LYS A 395 15.78 -11.34 -3.88
C LYS A 395 16.70 -10.96 -2.73
N GLN A 396 16.13 -10.89 -1.53
CA GLN A 396 16.90 -10.53 -0.34
C GLN A 396 17.99 -11.56 -0.08
N ALA A 397 17.65 -12.85 -0.23
CA ALA A 397 18.64 -13.91 -0.04
C ALA A 397 19.82 -13.75 -0.98
N LEU A 398 19.53 -13.52 -2.26
CA LEU A 398 20.58 -13.36 -3.24
C LEU A 398 21.37 -12.10 -2.94
N GLU A 399 20.65 -11.03 -2.66
CA GLU A 399 21.28 -9.75 -2.35
C GLU A 399 22.22 -9.82 -1.16
N THR A 400 21.78 -10.46 -0.07
CA THR A 400 22.63 -10.60 1.11
C THR A 400 23.83 -11.52 0.85
N VAL A 401 23.63 -12.57 0.04
CA VAL A 401 24.76 -13.42 -0.33
C VAL A 401 25.86 -12.60 -1.02
N GLN A 402 25.46 -11.77 -1.97
CA GLN A 402 26.43 -10.95 -2.69
C GLN A 402 27.14 -10.00 -1.75
N ARG A 403 26.41 -9.39 -0.82
CA ARG A 403 27.02 -8.46 0.11
C ARG A 403 27.91 -9.17 1.11
N LEU A 404 27.37 -10.19 1.77
CA LEU A 404 28.07 -10.82 2.87
C LEU A 404 29.15 -11.82 2.43
N LEU A 405 29.08 -12.27 1.18
CA LEU A 405 30.04 -13.26 0.70
C LEU A 405 31.51 -12.99 1.06
N PRO A 406 32.05 -11.81 0.71
CA PRO A 406 33.47 -11.54 1.04
C PRO A 406 33.80 -11.68 2.53
N VAL A 407 32.97 -11.08 3.38
CA VAL A 407 33.13 -11.19 4.83
C VAL A 407 32.94 -12.62 5.35
N LEU A 408 31.95 -13.33 4.81
CA LEU A 408 31.71 -14.72 5.17
C LEU A 408 32.93 -15.60 4.91
N CYS A 409 33.57 -15.41 3.75
CA CYS A 409 34.68 -16.24 3.33
C CYS A 409 36.01 -15.87 4.01
N GLN A 410 36.24 -14.57 4.18
CA GLN A 410 37.50 -14.10 4.74
C GLN A 410 37.52 -14.12 6.27
N ASP A 411 36.48 -13.55 6.88
CA ASP A 411 36.42 -13.41 8.33
C ASP A 411 35.76 -14.56 9.07
N HIS A 412 34.92 -15.33 8.38
CA HIS A 412 34.23 -16.43 9.07
C HIS A 412 34.57 -17.83 8.54
N GLY A 413 35.43 -17.91 7.54
CA GLY A 413 35.96 -19.17 7.05
C GLY A 413 35.08 -19.95 6.08
N LEU A 414 33.85 -19.50 5.86
CA LEU A 414 32.96 -20.20 4.93
C LEU A 414 33.56 -20.28 3.54
N THR A 415 33.20 -21.33 2.79
CA THR A 415 33.45 -21.38 1.34
C THR A 415 32.22 -20.84 0.62
N PRO A 416 32.39 -20.39 -0.63
CA PRO A 416 31.20 -19.93 -1.34
C PRO A 416 30.14 -21.02 -1.45
N ASP A 417 30.56 -22.28 -1.68
CA ASP A 417 29.60 -23.39 -1.74
C ASP A 417 28.91 -23.60 -0.39
N GLN A 418 29.60 -23.26 0.69
CA GLN A 418 29.00 -23.33 2.01
C GLN A 418 27.98 -22.21 2.18
N VAL A 419 28.35 -21.00 1.76
CA VAL A 419 27.43 -19.86 1.77
C VAL A 419 26.14 -20.21 1.01
N VAL A 420 26.31 -20.80 -0.17
CA VAL A 420 25.18 -21.20 -1.01
C VAL A 420 24.29 -22.17 -0.26
N ALA A 421 24.92 -23.17 0.35
CA ALA A 421 24.18 -24.22 1.05
C ALA A 421 23.24 -23.61 2.08
N ILE A 422 23.80 -22.77 2.94
CA ILE A 422 23.03 -22.10 3.99
C ILE A 422 21.97 -21.14 3.42
N ALA A 423 22.30 -20.47 2.32
CA ALA A 423 21.43 -19.44 1.75
C ALA A 423 20.22 -20.03 1.04
N SER A 424 20.38 -21.22 0.49
CA SER A 424 19.38 -21.77 -0.40
C SER A 424 18.22 -22.50 0.30
N ASN A 425 17.86 -22.07 1.50
CA ASN A 425 16.77 -22.73 2.20
C ASN A 425 15.65 -21.90 2.81
N GLY A 426 16.01 -20.91 3.62
CA GLY A 426 15.02 -20.25 4.46
C GLY A 426 15.47 -20.54 5.87
N GLY A 427 15.96 -21.76 6.06
CA GLY A 427 16.86 -22.06 7.16
C GLY A 427 18.23 -21.55 6.75
N GLY A 428 18.29 -20.23 6.53
CA GLY A 428 19.48 -19.56 6.06
C GLY A 428 19.12 -18.10 5.80
N LYS A 429 20.07 -17.32 5.31
CA LYS A 429 19.86 -15.89 5.05
C LYS A 429 19.90 -15.11 6.35
N GLN A 430 18.89 -15.29 7.19
CA GLN A 430 18.93 -14.77 8.54
C GLN A 430 20.15 -15.38 9.21
N ALA A 431 20.40 -16.65 8.91
CA ALA A 431 21.55 -17.36 9.45
C ALA A 431 22.87 -16.78 8.96
N LEU A 432 22.91 -16.30 7.72
CA LEU A 432 24.08 -15.61 7.20
C LEU A 432 24.28 -14.30 7.96
N GLU A 433 23.20 -13.55 8.12
CA GLU A 433 23.25 -12.30 8.88
C GLU A 433 23.70 -12.53 10.32
N SER A 434 23.09 -13.52 10.97
CA SER A 434 23.45 -13.86 12.33
C SER A 434 24.94 -14.13 12.49
N ILE A 435 25.51 -14.88 11.54
CA ILE A 435 26.93 -15.19 11.56
C ILE A 435 27.80 -13.93 11.60
N VAL A 436 27.40 -12.91 10.85
CA VAL A 436 28.21 -11.70 10.69
C VAL A 436 28.01 -10.71 11.85
N ALA A 437 26.93 -10.89 12.61
CA ALA A 437 26.67 -10.06 13.77
C ALA A 437 27.54 -10.47 14.96
N GLN A 438 28.49 -11.36 14.73
CA GLN A 438 29.38 -11.85 15.77
C GLN A 438 30.81 -11.37 15.54
S SO4 B . 13.68 21.73 6.31
O1 SO4 B . 14.72 20.77 6.67
O2 SO4 B . 12.62 21.04 5.56
O3 SO4 B . 14.28 22.78 5.48
O4 SO4 B . 13.15 22.31 7.53
S SO4 C . 2.60 14.83 -0.82
O1 SO4 C . 3.13 15.84 0.10
O2 SO4 C . 3.39 14.85 -2.05
O3 SO4 C . 1.19 15.11 -1.13
O4 SO4 C . 2.71 13.52 -0.20
S SO4 D . 1.53 11.47 3.86
O1 SO4 D . 1.96 11.41 5.26
O2 SO4 D . 1.63 10.16 3.23
O3 SO4 D . 2.41 12.40 3.17
O4 SO4 D . 0.14 11.89 3.77
#